data_2PL3
#
_entry.id   2PL3
#
_cell.length_a   63.500
_cell.length_b   63.500
_cell.length_c   304.010
_cell.angle_alpha   90.00
_cell.angle_beta   90.00
_cell.angle_gamma   120.00
#
_symmetry.space_group_name_H-M   'P 61 2 2'
#
loop_
_entity.id
_entity.type
_entity.pdbx_description
1 polymer 'Probable ATP-dependent RNA helicase DDX10'
2 non-polymer 'MAGNESIUM ION'
3 non-polymer "ADENOSINE-5'-DIPHOSPHATE"
4 non-polymer ETHANOL
5 water water
#
_entity_poly.entity_id   1
_entity_poly.type   'polypeptide(L)'
_entity_poly.pdbx_seq_one_letter_code
;SMQVERESISRLMQNYEKINVNEITRFSDFPLSKKTLKGLQEAQYRLVTEIQKQTIGLALQGKDVLGAAKTGSGKTLAFL
VPVLEALYRLQWTSTDGLGVLIISPTRELAYQTFEVLRKVGKNHDFSAGLIIGGKDLKHEAERINNINILVCTPGRLLQH
MDETVSFHATDLQMLVLDEADRILDMGFADTMNAVIENLPKKRQTLLFSATQTKSVKDLARLSLKNPEYVWVHEKA
;
_entity_poly.pdbx_strand_id   A
#
loop_
_chem_comp.id
_chem_comp.type
_chem_comp.name
_chem_comp.formula
ADP non-polymer ADENOSINE-5'-DIPHOSPHATE 'C10 H15 N5 O10 P2'
EOH non-polymer ETHANOL 'C2 H6 O'
MG non-polymer 'MAGNESIUM ION' 'Mg 2'
#
# COMPACT_ATOMS: atom_id res chain seq x y z
N SER A 1 18.52 -16.10 -7.46
CA SER A 1 19.57 -15.11 -7.53
C SER A 1 19.48 -14.51 -6.16
N MET A 2 19.41 -13.20 -6.03
CA MET A 2 20.33 -12.33 -6.72
C MET A 2 21.13 -11.42 -5.87
N GLN A 3 22.39 -11.35 -6.22
CA GLN A 3 23.47 -11.19 -5.31
C GLN A 3 23.71 -9.71 -5.38
N VAL A 4 23.56 -9.19 -6.58
CA VAL A 4 23.75 -7.79 -6.89
C VAL A 4 22.62 -6.95 -6.34
N GLU A 5 21.42 -7.47 -6.46
CA GLU A 5 20.25 -6.77 -6.01
C GLU A 5 20.25 -6.70 -4.47
N ARG A 6 20.83 -7.70 -3.84
CA ARG A 6 20.95 -7.70 -2.40
C ARG A 6 21.87 -6.56 -1.94
N GLU A 7 22.98 -6.36 -2.66
CA GLU A 7 23.86 -5.23 -2.36
C GLU A 7 23.15 -3.86 -2.53
N SER A 8 22.50 -3.64 -3.69
CA SER A 8 21.67 -2.46 -3.95
C SER A 8 20.61 -2.20 -2.89
N ILE A 9 19.87 -3.24 -2.52
CA ILE A 9 18.87 -3.14 -1.45
C ILE A 9 19.53 -2.70 -0.14
N SER A 10 20.67 -3.31 0.19
CA SER A 10 21.38 -2.99 1.42
C SER A 10 21.77 -1.51 1.49
N ARG A 11 22.22 -0.95 0.36
CA ARG A 11 22.57 0.47 0.28
C ARG A 11 21.37 1.39 0.42
N LEU A 12 20.22 0.98 -0.12
CA LEU A 12 19.02 1.82 0.01
C LEU A 12 18.66 1.88 1.48
N MET A 13 18.67 0.71 2.10
CA MET A 13 18.29 0.58 3.48
C MET A 13 19.24 1.29 4.44
N GLN A 14 20.53 1.30 4.15
CA GLN A 14 21.44 2.10 4.97
C GLN A 14 21.06 3.59 4.93
N ASN A 15 20.43 4.03 3.84
CA ASN A 15 20.04 5.42 3.71
C ASN A 15 18.69 5.79 4.29
N TYR A 16 17.94 4.81 4.74
CA TYR A 16 16.62 5.00 5.37
C TYR A 16 16.74 5.78 6.67
N GLU A 17 17.76 5.44 7.45
CA GLU A 17 18.06 6.06 8.74
C GLU A 17 18.31 7.56 8.56
N LYS A 18 19.00 7.91 7.49
CA LYS A 18 19.36 9.30 7.16
C LYS A 18 18.23 10.12 6.52
N ILE A 19 17.03 9.55 6.33
CA ILE A 19 15.94 10.31 5.71
C ILE A 19 15.60 11.57 6.53
N ASN A 20 15.65 12.73 5.87
CA ASN A 20 15.26 13.97 6.51
C ASN A 20 14.31 14.76 5.64
N VAL A 21 13.06 14.91 6.09
CA VAL A 21 12.03 15.57 5.28
C VAL A 21 12.37 17.00 4.91
N ASN A 22 13.19 17.68 5.69
CA ASN A 22 13.59 19.03 5.36
C ASN A 22 14.57 19.09 4.19
N GLU A 23 15.09 17.96 3.76
CA GLU A 23 15.96 17.93 2.57
C GLU A 23 15.28 17.27 1.38
N ILE A 24 13.98 17.03 1.47
CA ILE A 24 13.25 16.33 0.42
C ILE A 24 12.29 17.27 -0.32
N THR A 25 12.52 17.42 -1.63
CA THR A 25 11.57 18.07 -2.53
C THR A 25 11.18 17.13 -3.68
N ARG A 26 12.03 16.17 -4.01
CA ARG A 26 11.82 15.25 -5.11
C ARG A 26 11.70 13.82 -4.66
N PHE A 27 11.02 13.00 -5.47
CA PHE A 27 10.96 11.57 -5.18
C PHE A 27 12.36 10.95 -5.13
N SER A 28 13.25 11.41 -6.02
CA SER A 28 14.61 10.93 -6.06
C SER A 28 15.45 11.35 -4.87
N ASP A 29 14.99 12.31 -4.08
CA ASP A 29 15.62 12.62 -2.78
C ASP A 29 15.41 11.51 -1.74
N PHE A 30 14.37 10.70 -1.88
CA PHE A 30 14.24 9.51 -1.02
C PHE A 30 15.16 8.46 -1.65
N PRO A 31 15.61 7.47 -0.85
CA PRO A 31 16.31 6.34 -1.43
C PRO A 31 15.30 5.31 -1.98
N LEU A 32 15.15 5.29 -3.30
CA LEU A 32 14.17 4.46 -3.98
C LEU A 32 14.85 3.65 -5.05
N SER A 33 14.34 2.46 -5.36
CA SER A 33 14.89 1.68 -6.46
C SER A 33 14.82 2.47 -7.75
N LYS A 34 15.72 2.12 -8.68
CA LYS A 34 15.74 2.70 -10.02
C LYS A 34 14.44 2.41 -10.80
N LYS A 35 13.87 1.23 -10.55
CA LYS A 35 12.63 0.82 -11.19
C LYS A 35 11.46 1.69 -10.74
N THR A 36 11.42 2.03 -9.44
CA THR A 36 10.33 2.87 -8.92
C THR A 36 10.49 4.30 -9.47
N LEU A 37 11.69 4.84 -9.38
CA LEU A 37 12.01 6.14 -9.93
C LEU A 37 11.73 6.28 -11.44
N LYS A 38 12.08 5.26 -12.23
CA LYS A 38 11.78 5.26 -13.65
C LYS A 38 10.25 5.35 -13.89
N GLY A 39 9.48 4.54 -13.17
CA GLY A 39 8.04 4.51 -13.29
C GLY A 39 7.37 5.82 -12.90
N LEU A 40 7.89 6.47 -11.86
CA LEU A 40 7.41 7.76 -11.44
C LEU A 40 7.76 8.82 -12.49
N GLN A 41 9.01 8.85 -12.93
CA GLN A 41 9.45 9.78 -13.96
C GLN A 41 8.65 9.62 -15.27
N GLU A 42 8.43 8.38 -15.71
CA GLU A 42 7.63 8.11 -16.91
C GLU A 42 6.16 8.50 -16.74
N ALA A 43 5.69 8.55 -15.51
CA ALA A 43 4.32 8.99 -15.23
C ALA A 43 4.26 10.50 -14.83
N GLN A 44 5.32 11.25 -15.11
CA GLN A 44 5.35 12.71 -14.80
C GLN A 44 5.21 13.02 -13.30
N TYR A 45 5.81 12.19 -12.45
CA TYR A 45 5.79 12.49 -11.01
C TYR A 45 7.22 12.72 -10.55
N ARG A 46 7.53 13.93 -10.17
CA ARG A 46 8.91 14.26 -9.86
C ARG A 46 9.09 14.90 -8.50
N LEU A 47 8.24 15.89 -8.21
CA LEU A 47 8.29 16.60 -6.93
C LEU A 47 7.26 15.95 -6.03
N VAL A 48 7.54 15.79 -4.73
CA VAL A 48 6.58 15.17 -3.83
C VAL A 48 5.63 16.21 -3.24
N THR A 49 4.38 15.80 -3.03
CA THR A 49 3.44 16.61 -2.26
C THR A 49 3.79 16.52 -0.76
N GLU A 50 3.21 17.38 0.02
CA GLU A 50 3.49 17.35 1.46
C GLU A 50 3.16 16.00 2.16
N ILE A 51 2.01 15.39 1.86
CA ILE A 51 1.65 14.15 2.56
C ILE A 51 2.58 13.01 2.10
N GLN A 52 2.98 13.03 0.85
CA GLN A 52 3.97 12.10 0.34
C GLN A 52 5.33 12.30 1.07
N LYS A 53 5.78 13.55 1.15
CA LYS A 53 6.99 13.89 1.85
C LYS A 53 7.00 13.35 3.29
N GLN A 54 5.89 13.55 4.02
CA GLN A 54 5.85 13.30 5.45
C GLN A 54 5.50 11.86 5.79
N THR A 55 5.01 11.06 4.84
CA THR A 55 4.71 9.67 5.13
C THR A 55 5.55 8.58 4.43
N ILE A 56 6.15 8.87 3.28
CA ILE A 56 6.82 7.81 2.49
C ILE A 56 8.02 7.27 3.23
N GLY A 57 8.79 8.18 3.85
CA GLY A 57 10.00 7.82 4.61
C GLY A 57 9.74 6.90 5.76
N LEU A 58 8.74 7.25 6.57
CA LEU A 58 8.33 6.40 7.68
C LEU A 58 7.87 5.01 7.22
N ALA A 59 7.14 4.97 6.12
CA ALA A 59 6.68 3.69 5.56
C ALA A 59 7.85 2.87 5.05
N LEU A 60 8.81 3.51 4.39
CA LEU A 60 10.06 2.83 3.94
C LEU A 60 10.77 2.17 5.10
N GLN A 61 10.79 2.84 6.23
CA GLN A 61 11.42 2.33 7.45
C GLN A 61 10.59 1.23 8.13
N GLY A 62 9.43 0.90 7.62
CA GLY A 62 8.73 -0.29 8.10
C GLY A 62 7.68 0.02 9.12
N LYS A 63 7.41 1.30 9.33
CA LYS A 63 6.47 1.70 10.38
C LYS A 63 5.03 1.69 9.89
N ASP A 64 4.13 1.45 10.84
CA ASP A 64 2.69 1.68 10.64
C ASP A 64 2.36 3.15 10.69
N VAL A 65 1.54 3.60 9.72
CA VAL A 65 1.28 5.04 9.47
C VAL A 65 -0.22 5.28 9.31
N LEU A 66 -0.75 6.21 10.08
CA LEU A 66 -2.01 6.88 9.75
C LEU A 66 -1.70 8.23 9.10
N GLY A 67 -1.97 8.35 7.80
CA GLY A 67 -1.79 9.59 7.09
C GLY A 67 -3.13 10.28 6.81
N ALA A 68 -3.27 11.53 7.26
CA ALA A 68 -4.51 12.31 7.06
C ALA A 68 -4.22 13.57 6.24
N ALA A 69 -4.93 13.71 5.12
CA ALA A 69 -4.81 14.89 4.26
C ALA A 69 -6.02 14.94 3.34
N LYS A 70 -6.52 16.12 3.12
CA LYS A 70 -7.73 16.26 2.31
C LYS A 70 -7.61 15.71 0.88
N THR A 71 -8.77 15.49 0.28
CA THR A 71 -8.83 15.06 -1.10
C THR A 71 -8.04 15.97 -2.02
N GLY A 72 -7.28 15.38 -2.91
CA GLY A 72 -6.44 16.18 -3.81
C GLY A 72 -4.99 16.28 -3.32
N SER A 73 -4.69 15.78 -2.12
CA SER A 73 -3.34 15.92 -1.51
C SER A 73 -2.23 15.04 -2.07
N GLY A 74 -2.58 13.93 -2.70
CA GLY A 74 -1.60 12.96 -3.20
C GLY A 74 -1.45 11.73 -2.31
N LYS A 75 -2.53 11.29 -1.68
CA LYS A 75 -2.42 10.11 -0.82
C LYS A 75 -2.05 8.81 -1.55
N THR A 76 -2.44 8.68 -2.83
CA THR A 76 -2.24 7.42 -3.55
C THR A 76 -0.78 6.99 -3.64
N LEU A 77 0.07 7.90 -4.08
CA LEU A 77 1.51 7.61 -4.17
C LEU A 77 2.19 7.53 -2.81
N ALA A 78 1.61 8.19 -1.83
CA ALA A 78 2.09 8.12 -0.46
C ALA A 78 2.12 6.68 0.07
N PHE A 79 1.15 5.86 -0.31
CA PHE A 79 1.20 4.40 -0.02
C PHE A 79 1.73 3.53 -1.18
N LEU A 80 1.57 3.93 -2.44
CA LEU A 80 2.03 3.08 -3.55
C LEU A 80 3.56 3.00 -3.68
N VAL A 81 4.22 4.10 -3.36
CA VAL A 81 5.66 4.11 -3.43
C VAL A 81 6.25 3.13 -2.41
N PRO A 82 5.85 3.22 -1.13
CA PRO A 82 6.20 2.19 -0.16
C PRO A 82 5.79 0.76 -0.50
N VAL A 83 4.59 0.57 -1.05
CA VAL A 83 4.16 -0.76 -1.52
C VAL A 83 5.19 -1.35 -2.53
N LEU A 84 5.52 -0.63 -3.59
CA LEU A 84 6.49 -1.10 -4.55
C LEU A 84 7.85 -1.43 -3.97
N GLU A 85 8.33 -0.56 -3.09
CA GLU A 85 9.63 -0.72 -2.44
C GLU A 85 9.66 -1.87 -1.43
N ALA A 86 8.55 -2.09 -0.72
CA ALA A 86 8.51 -3.24 0.21
C ALA A 86 8.75 -4.56 -0.51
N LEU A 87 8.10 -4.73 -1.66
CA LEU A 87 8.29 -5.95 -2.44
C LEU A 87 9.61 -5.95 -3.19
N TYR A 88 10.05 -4.80 -3.69
CA TYR A 88 11.39 -4.73 -4.32
C TYR A 88 12.48 -5.13 -3.32
N ARG A 89 12.42 -4.64 -2.08
CA ARG A 89 13.46 -5.00 -1.09
C ARG A 89 13.55 -6.51 -0.84
N LEU A 90 12.45 -7.21 -1.10
CA LEU A 90 12.42 -8.66 -0.98
C LEU A 90 12.67 -9.39 -2.34
N GLN A 91 12.86 -8.69 -3.45
CA GLN A 91 13.02 -9.37 -4.75
C GLN A 91 11.83 -10.32 -4.97
N TRP A 92 10.67 -9.80 -4.64
CA TRP A 92 9.44 -10.54 -4.72
C TRP A 92 9.15 -10.75 -6.20
N THR A 93 8.63 -11.93 -6.53
CA THR A 93 8.23 -12.17 -7.90
C THR A 93 6.89 -12.88 -7.93
N SER A 94 6.36 -13.11 -9.14
CA SER A 94 4.97 -13.61 -9.32
C SER A 94 4.75 -14.96 -8.62
N THR A 95 5.81 -15.76 -8.51
CA THR A 95 5.71 -17.04 -7.83
C THR A 95 5.62 -16.95 -6.30
N ASP A 96 5.95 -15.77 -5.74
CA ASP A 96 5.95 -15.55 -4.27
C ASP A 96 4.56 -15.32 -3.65
N GLY A 97 3.52 -15.20 -4.49
CA GLY A 97 2.15 -15.06 -3.99
C GLY A 97 1.80 -13.67 -3.45
N LEU A 98 0.84 -13.62 -2.55
CA LEU A 98 0.22 -12.36 -2.09
C LEU A 98 1.11 -11.61 -1.10
N GLY A 99 1.70 -10.49 -1.54
CA GLY A 99 2.53 -9.65 -0.66
C GLY A 99 1.85 -8.40 -0.11
N VAL A 100 0.91 -7.84 -0.87
CA VAL A 100 0.23 -6.56 -0.49
C VAL A 100 -1.27 -6.59 -0.84
N LEU A 101 -2.08 -6.18 0.14
CA LEU A 101 -3.48 -5.97 -0.02
C LEU A 101 -3.71 -4.47 0.13
N ILE A 102 -4.35 -3.89 -0.89
CA ILE A 102 -4.77 -2.49 -0.81
C ILE A 102 -6.28 -2.51 -0.90
N ILE A 103 -6.91 -1.97 0.13
CA ILE A 103 -8.37 -1.91 0.23
C ILE A 103 -8.90 -0.49 0.03
N SER A 104 -9.77 -0.35 -0.96
CA SER A 104 -10.39 0.93 -1.29
C SER A 104 -11.91 0.83 -1.12
N PRO A 105 -12.60 1.97 -0.94
CA PRO A 105 -13.96 1.89 -0.54
C PRO A 105 -14.99 1.40 -1.58
N THR A 106 -14.78 1.69 -2.88
CA THR A 106 -15.72 1.35 -3.95
C THR A 106 -14.96 0.80 -5.15
N ARG A 107 -15.72 0.16 -6.05
CA ARG A 107 -15.14 -0.39 -7.24
C ARG A 107 -14.46 0.69 -8.10
N GLU A 108 -15.03 1.90 -8.19
CA GLU A 108 -14.38 2.94 -8.99
C GLU A 108 -13.11 3.49 -8.36
N LEU A 109 -13.14 3.64 -7.02
CA LEU A 109 -11.99 4.17 -6.28
C LEU A 109 -10.87 3.16 -6.31
N ALA A 110 -11.23 1.87 -6.23
CA ALA A 110 -10.26 0.77 -6.30
C ALA A 110 -9.58 0.76 -7.67
N TYR A 111 -10.41 0.91 -8.70
CA TYR A 111 -9.94 0.96 -10.07
C TYR A 111 -8.99 2.11 -10.31
N GLN A 112 -9.33 3.28 -9.80
CA GLN A 112 -8.45 4.43 -9.97
C GLN A 112 -7.07 4.20 -9.32
N THR A 113 -7.06 3.57 -8.15
CA THR A 113 -5.80 3.33 -7.45
C THR A 113 -5.02 2.27 -8.21
N PHE A 114 -5.72 1.24 -8.68
CA PHE A 114 -5.12 0.20 -9.50
C PHE A 114 -4.42 0.77 -10.75
N GLU A 115 -5.03 1.75 -11.40
CA GLU A 115 -4.41 2.34 -12.58
C GLU A 115 -3.12 3.08 -12.30
N VAL A 116 -3.03 3.77 -11.16
CA VAL A 116 -1.83 4.47 -10.82
C VAL A 116 -0.73 3.42 -10.59
N LEU A 117 -1.08 2.35 -9.89
CA LEU A 117 -0.13 1.32 -9.57
C LEU A 117 0.42 0.64 -10.82
N ARG A 118 -0.43 0.39 -11.80
CA ARG A 118 0.05 -0.28 -12.97
C ARG A 118 0.89 0.65 -13.86
N LYS A 119 0.58 1.95 -13.90
CA LYS A 119 1.46 2.91 -14.57
C LYS A 119 2.80 3.06 -13.85
N VAL A 120 2.76 3.42 -12.57
CA VAL A 120 4.01 3.76 -11.84
C VAL A 120 4.86 2.52 -11.49
N GLY A 121 4.23 1.38 -11.28
CA GLY A 121 4.95 0.14 -10.99
C GLY A 121 5.32 -0.73 -12.17
N LYS A 122 5.20 -0.20 -13.38
CA LYS A 122 5.31 -1.01 -14.62
C LYS A 122 6.70 -1.59 -14.87
N ASN A 123 7.72 -0.99 -14.26
CA ASN A 123 9.09 -1.43 -14.47
C ASN A 123 9.52 -2.49 -13.45
N HIS A 124 8.63 -2.81 -12.52
CA HIS A 124 8.86 -3.87 -11.53
C HIS A 124 8.35 -5.22 -12.02
N ASP A 125 8.82 -6.28 -11.37
CA ASP A 125 8.54 -7.65 -11.76
C ASP A 125 7.49 -8.33 -10.87
N PHE A 126 6.58 -7.56 -10.27
CA PHE A 126 5.48 -8.13 -9.46
C PHE A 126 4.19 -8.04 -10.23
N SER A 127 3.30 -8.98 -9.97
CA SER A 127 1.98 -8.93 -10.53
C SER A 127 1.02 -8.07 -9.67
N ALA A 128 0.08 -7.43 -10.35
CA ALA A 128 -0.97 -6.69 -9.68
C ALA A 128 -2.32 -7.06 -10.27
N GLY A 129 -3.32 -7.21 -9.40
CA GLY A 129 -4.69 -7.51 -9.81
C GLY A 129 -5.74 -6.72 -9.04
N LEU A 130 -6.89 -6.56 -9.68
CA LEU A 130 -7.99 -5.77 -9.16
C LEU A 130 -9.14 -6.69 -8.80
N ILE A 131 -9.60 -6.71 -7.56
CA ILE A 131 -10.86 -7.41 -7.23
C ILE A 131 -11.98 -6.52 -6.62
N ILE A 132 -13.02 -6.35 -7.42
CA ILE A 132 -14.03 -5.33 -7.18
C ILE A 132 -15.50 -5.77 -7.44
N GLY A 133 -15.72 -6.99 -7.92
CA GLY A 133 -17.08 -7.45 -8.13
C GLY A 133 -17.76 -6.80 -9.32
N GLY A 134 -18.73 -7.52 -9.89
CA GLY A 134 -19.33 -7.13 -11.16
C GLY A 134 -18.48 -7.63 -12.32
N LEU A 137 -16.46 -13.50 -11.09
CA LEU A 137 -16.99 -14.35 -10.04
C LEU A 137 -15.96 -15.44 -9.69
N LYS A 138 -16.14 -16.62 -10.27
CA LYS A 138 -15.17 -17.71 -10.16
C LYS A 138 -13.99 -17.40 -11.08
N HIS A 139 -14.31 -16.67 -12.16
CA HIS A 139 -13.32 -16.14 -13.10
C HIS A 139 -12.23 -15.40 -12.37
N GLU A 140 -12.62 -14.68 -11.33
CA GLU A 140 -11.70 -13.86 -10.56
C GLU A 140 -10.68 -14.70 -9.79
N ALA A 141 -11.19 -15.69 -9.04
CA ALA A 141 -10.35 -16.55 -8.21
C ALA A 141 -9.25 -17.24 -9.05
N GLU A 142 -9.66 -17.79 -10.20
CA GLU A 142 -8.75 -18.44 -11.14
C GLU A 142 -7.45 -17.65 -11.32
N ARG A 143 -7.55 -16.35 -11.58
CA ARG A 143 -6.35 -15.54 -11.85
C ARG A 143 -5.59 -15.06 -10.61
N ILE A 144 -6.30 -14.76 -9.53
CA ILE A 144 -5.70 -13.98 -8.44
C ILE A 144 -4.83 -14.78 -7.45
N ASN A 145 -4.96 -16.10 -7.41
CA ASN A 145 -4.06 -16.92 -6.56
C ASN A 145 -2.55 -16.65 -6.74
N ASN A 146 -2.15 -16.26 -7.96
CA ASN A 146 -0.74 -15.93 -8.26
C ASN A 146 -0.33 -14.46 -8.09
N ILE A 147 -1.27 -13.61 -7.68
CA ILE A 147 -1.09 -12.16 -7.76
C ILE A 147 -0.41 -11.55 -6.50
N ASN A 148 0.55 -10.68 -6.73
CA ASN A 148 1.40 -10.23 -5.66
C ASN A 148 0.76 -9.08 -4.91
N ILE A 149 0.10 -8.21 -5.68
CA ILE A 149 -0.56 -7.01 -5.14
C ILE A 149 -2.04 -7.01 -5.54
N LEU A 150 -2.93 -7.14 -4.57
CA LEU A 150 -4.36 -7.12 -4.82
C LEU A 150 -5.01 -5.81 -4.36
N VAL A 151 -5.63 -5.10 -5.29
CA VAL A 151 -6.49 -3.95 -5.00
C VAL A 151 -7.93 -4.42 -4.94
N CYS A 152 -8.60 -4.11 -3.84
CA CYS A 152 -9.85 -4.73 -3.41
C CYS A 152 -10.84 -3.73 -2.85
N THR A 153 -12.11 -4.12 -2.83
CA THR A 153 -13.15 -3.49 -2.04
C THR A 153 -13.35 -4.43 -0.86
N PRO A 154 -13.84 -3.92 0.28
CA PRO A 154 -13.89 -4.69 1.52
C PRO A 154 -14.78 -5.93 1.46
N GLY A 155 -15.98 -5.79 0.92
CA GLY A 155 -16.93 -6.91 0.85
C GLY A 155 -16.47 -8.05 -0.01
N ARG A 156 -15.97 -7.72 -1.20
CA ARG A 156 -15.44 -8.70 -2.13
C ARG A 156 -14.22 -9.40 -1.54
N LEU A 157 -13.32 -8.66 -0.88
CA LEU A 157 -12.18 -9.33 -0.23
C LEU A 157 -12.65 -10.34 0.84
N LEU A 158 -13.58 -9.93 1.70
CA LEU A 158 -14.02 -10.83 2.75
C LEU A 158 -14.72 -12.08 2.13
N GLN A 159 -15.43 -11.87 1.03
CA GLN A 159 -16.02 -12.95 0.24
C GLN A 159 -14.97 -13.92 -0.28
N HIS A 160 -14.03 -13.44 -1.09
CA HIS A 160 -12.89 -14.27 -1.53
C HIS A 160 -12.32 -15.07 -0.37
N MET A 161 -12.09 -14.39 0.76
CA MET A 161 -11.62 -15.03 1.98
C MET A 161 -12.54 -16.16 2.46
N ASP A 162 -13.83 -15.87 2.59
CA ASP A 162 -14.78 -16.83 3.14
C ASP A 162 -15.06 -18.01 2.22
N GLU A 163 -15.14 -17.76 0.91
CA GLU A 163 -15.52 -18.77 -0.06
C GLU A 163 -14.45 -19.17 -1.05
N THR A 164 -13.18 -18.97 -0.72
CA THR A 164 -12.10 -19.50 -1.57
C THR A 164 -11.11 -20.24 -0.67
N VAL A 165 -10.97 -21.54 -0.93
CA VAL A 165 -10.18 -22.40 -0.05
C VAL A 165 -8.69 -22.12 -0.21
N SER A 166 -8.32 -21.64 -1.40
CA SER A 166 -6.94 -21.48 -1.80
C SER A 166 -6.39 -20.11 -1.45
N PHE A 167 -7.28 -19.17 -1.12
CA PHE A 167 -6.85 -17.84 -0.73
C PHE A 167 -6.19 -17.91 0.63
N HIS A 168 -4.95 -17.42 0.70
CA HIS A 168 -4.30 -17.26 1.97
C HIS A 168 -3.32 -16.10 1.87
N ALA A 169 -3.11 -15.43 2.99
CA ALA A 169 -2.33 -14.21 3.01
C ALA A 169 -1.20 -14.41 4.02
N THR A 170 -0.69 -15.64 4.06
CA THR A 170 0.24 -16.10 5.09
C THR A 170 1.51 -15.31 5.01
N ASP A 171 1.88 -14.96 3.78
CA ASP A 171 3.07 -14.20 3.49
C ASP A 171 2.81 -12.71 3.20
N LEU A 172 1.67 -12.19 3.62
CA LEU A 172 1.41 -10.76 3.49
C LEU A 172 2.46 -9.89 4.14
N GLN A 173 2.94 -8.88 3.40
CA GLN A 173 3.94 -7.95 3.93
C GLN A 173 3.30 -6.62 4.39
N MET A 174 2.32 -6.14 3.62
CA MET A 174 1.65 -4.86 3.88
C MET A 174 0.15 -4.95 3.60
N LEU A 175 -0.60 -4.33 4.50
CA LEU A 175 -1.99 -4.01 4.34
C LEU A 175 -2.10 -2.48 4.21
N VAL A 176 -2.80 -2.02 3.18
CA VAL A 176 -3.11 -0.59 3.01
C VAL A 176 -4.62 -0.38 2.95
N LEU A 177 -5.08 0.57 3.76
CA LEU A 177 -6.45 1.04 3.67
C LEU A 177 -6.40 2.42 3.01
N ASP A 178 -6.93 2.47 1.81
CA ASP A 178 -7.05 3.66 0.97
C ASP A 178 -8.43 4.34 1.18
N GLU A 179 -8.41 5.61 1.56
CA GLU A 179 -9.61 6.38 1.82
C GLU A 179 -10.39 5.72 2.97
N ALA A 180 -9.65 5.48 4.04
CA ALA A 180 -10.11 4.73 5.21
C ALA A 180 -11.34 5.34 5.88
N ASP A 181 -11.44 6.67 5.89
CA ASP A 181 -12.63 7.32 6.47
C ASP A 181 -13.91 7.07 5.64
N ARG A 182 -13.78 6.94 4.32
CA ARG A 182 -14.92 6.55 3.53
C ARG A 182 -15.27 5.07 3.73
N ILE A 183 -14.27 4.20 3.74
CA ILE A 183 -14.48 2.81 4.10
C ILE A 183 -15.39 2.69 5.33
N LEU A 184 -15.07 3.44 6.38
CA LEU A 184 -15.81 3.37 7.64
C LEU A 184 -17.17 4.07 7.61
N ASP A 185 -17.25 5.21 6.93
CA ASP A 185 -18.49 5.94 6.81
C ASP A 185 -19.53 5.15 5.97
N MET A 186 -19.06 4.31 5.04
CA MET A 186 -19.92 3.36 4.33
C MET A 186 -20.48 2.25 5.21
N GLY A 187 -19.91 2.03 6.40
CA GLY A 187 -20.44 1.01 7.33
C GLY A 187 -19.57 -0.25 7.38
N PHE A 188 -18.35 -0.18 6.84
CA PHE A 188 -17.52 -1.36 6.72
C PHE A 188 -16.64 -1.66 7.92
N ALA A 189 -16.91 -1.04 9.08
CA ALA A 189 -16.09 -1.31 10.28
C ALA A 189 -16.03 -2.78 10.63
N ASP A 190 -17.19 -3.45 10.65
CA ASP A 190 -17.22 -4.87 11.04
C ASP A 190 -16.60 -5.79 9.98
N THR A 191 -16.78 -5.44 8.71
CA THR A 191 -16.15 -6.14 7.61
C THR A 191 -14.64 -6.04 7.74
N MET A 192 -14.14 -4.84 8.04
CA MET A 192 -12.70 -4.64 8.19
C MET A 192 -12.08 -5.46 9.32
N ASN A 193 -12.76 -5.53 10.46
CA ASN A 193 -12.27 -6.36 11.57
C ASN A 193 -12.21 -7.81 11.20
N ALA A 194 -13.18 -8.29 10.43
CA ALA A 194 -13.16 -9.66 9.99
C ALA A 194 -12.04 -9.91 8.99
N VAL A 195 -11.78 -8.95 8.10
CA VAL A 195 -10.69 -9.10 7.15
C VAL A 195 -9.39 -9.21 7.94
N ILE A 196 -9.22 -8.33 8.92
CA ILE A 196 -8.02 -8.28 9.76
C ILE A 196 -7.79 -9.58 10.55
N GLU A 197 -8.85 -10.30 10.90
CA GLU A 197 -8.69 -11.60 11.56
C GLU A 197 -8.04 -12.66 10.67
N ASN A 198 -8.22 -12.51 9.37
CA ASN A 198 -7.67 -13.43 8.39
C ASN A 198 -6.26 -13.06 7.94
N LEU A 199 -5.67 -12.00 8.51
CA LEU A 199 -4.34 -11.58 8.12
C LEU A 199 -3.31 -11.83 9.25
N PRO A 200 -2.04 -12.02 8.88
CA PRO A 200 -0.99 -12.10 9.91
C PRO A 200 -0.80 -10.78 10.66
N LYS A 201 -0.74 -10.85 11.97
CA LYS A 201 -0.40 -9.72 12.81
C LYS A 201 0.97 -9.11 12.48
N LYS A 202 1.94 -9.91 12.02
CA LYS A 202 3.31 -9.40 11.86
C LYS A 202 3.50 -8.29 10.78
N ARG A 203 2.46 -7.97 10.06
CA ARG A 203 2.58 -7.13 8.88
C ARG A 203 2.76 -5.64 9.20
N GLN A 204 3.05 -4.89 8.14
CA GLN A 204 3.03 -3.43 8.15
C GLN A 204 1.66 -2.97 7.62
N THR A 205 1.07 -1.97 8.29
CA THR A 205 -0.24 -1.47 7.94
C THR A 205 -0.19 0.04 7.73
N LEU A 206 -0.66 0.47 6.55
CA LEU A 206 -0.80 1.91 6.25
C LEU A 206 -2.27 2.26 6.14
N LEU A 207 -2.65 3.32 6.83
CA LEU A 207 -3.99 3.85 6.78
C LEU A 207 -3.96 5.29 6.28
N PHE A 208 -4.61 5.53 5.16
CA PHE A 208 -4.74 6.86 4.59
C PHE A 208 -6.18 7.36 4.57
N SER A 209 -6.35 8.57 5.07
CA SER A 209 -7.68 9.16 5.27
C SER A 209 -7.73 10.62 4.78
N ALA A 210 -8.85 11.00 4.17
CA ALA A 210 -9.16 12.39 3.81
C ALA A 210 -9.40 13.29 5.00
N THR A 211 -9.92 12.76 6.10
CA THR A 211 -10.37 13.58 7.20
C THR A 211 -9.97 12.99 8.53
N GLN A 212 -10.00 13.85 9.57
CA GLN A 212 -9.78 13.46 10.95
C GLN A 212 -11.15 13.06 11.53
N THR A 213 -11.43 11.76 11.63
CA THR A 213 -12.65 11.25 12.26
C THR A 213 -12.30 10.35 13.44
N LYS A 214 -13.20 10.34 14.40
CA LYS A 214 -13.11 9.47 15.53
C LYS A 214 -12.97 8.01 15.11
N SER A 215 -13.78 7.58 14.14
CA SER A 215 -13.74 6.18 13.76
C SER A 215 -12.45 5.77 13.07
N VAL A 216 -11.84 6.65 12.30
CA VAL A 216 -10.58 6.23 11.68
C VAL A 216 -9.43 6.15 12.72
N LYS A 217 -9.46 7.03 13.70
CA LYS A 217 -8.53 7.01 14.82
C LYS A 217 -8.74 5.79 15.72
N ASP A 218 -10.00 5.40 15.96
CA ASP A 218 -10.31 4.10 16.55
C ASP A 218 -9.72 2.90 15.77
N LEU A 219 -10.02 2.79 14.46
CA LEU A 219 -9.40 1.79 13.57
C LEU A 219 -7.87 1.78 13.66
N ALA A 220 -7.25 2.93 13.78
CA ALA A 220 -5.80 2.95 13.88
C ALA A 220 -5.35 2.18 15.15
N ARG A 221 -6.31 1.67 15.93
CA ARG A 221 -5.98 0.83 17.11
C ARG A 221 -6.42 -0.62 16.92
N LEU A 222 -7.36 -0.83 15.98
CA LEU A 222 -7.80 -2.18 15.57
C LEU A 222 -6.80 -2.70 14.57
N SER A 223 -6.14 -1.80 13.85
CA SER A 223 -5.36 -2.23 12.71
C SER A 223 -3.86 -1.93 12.82
N LEU A 224 -3.39 -1.11 13.79
CA LEU A 224 -2.02 -0.55 13.70
C LEU A 224 -1.15 -0.74 14.94
N LYS A 225 0.12 -1.04 14.69
CA LYS A 225 1.11 -1.23 15.76
C LYS A 225 1.94 0.03 16.00
N ASN A 226 1.84 0.59 17.20
CA ASN A 226 2.47 1.89 17.56
C ASN A 226 2.46 2.87 16.43
N PRO A 227 1.27 3.30 15.99
CA PRO A 227 1.30 4.01 14.74
C PRO A 227 1.96 5.40 14.83
N GLU A 228 2.51 5.76 13.68
CA GLU A 228 3.01 7.06 13.33
C GLU A 228 1.82 7.82 12.78
N TYR A 229 1.33 8.81 13.52
CA TYR A 229 0.25 9.66 12.99
C TYR A 229 0.90 10.82 12.24
N VAL A 230 0.32 11.17 11.09
CA VAL A 230 0.86 12.26 10.27
C VAL A 230 -0.33 12.96 9.63
N TRP A 231 -0.45 14.25 9.86
CA TRP A 231 -1.51 15.02 9.26
C TRP A 231 -0.92 16.19 8.52
N VAL A 232 -1.61 16.57 7.45
CA VAL A 232 -1.18 17.74 6.70
C VAL A 232 -2.37 18.64 6.38
N HIS A 233 -2.16 19.94 6.51
CA HIS A 233 -3.16 20.92 6.10
C HIS A 233 -2.56 22.15 5.47
N GLU A 234 -3.42 22.89 4.79
CA GLU A 234 -3.13 24.14 4.03
C GLU A 234 -1.85 24.10 3.20
MG MG B . -7.71 9.05 -3.18
PB ADP C . -5.95 11.93 -2.92
O1B ADP C . -6.14 10.42 -2.87
O2B ADP C . -5.18 12.47 -1.72
O3B ADP C . -7.27 12.64 -3.06
PA ADP C . -4.53 11.59 -5.44
O1A ADP C . -3.55 10.58 -4.95
O2A ADP C . -5.70 11.00 -6.14
O3A ADP C . -5.09 12.45 -4.17
O5' ADP C . -3.76 12.73 -6.22
C5' ADP C . -4.55 13.85 -6.66
C4' ADP C . -4.10 14.44 -7.99
O4' ADP C . -2.80 14.99 -7.86
C3' ADP C . -3.99 13.45 -9.12
O3' ADP C . -4.21 14.16 -10.33
C2' ADP C . -2.54 13.04 -9.11
O2' ADP C . -2.06 12.59 -10.37
C1' ADP C . -1.86 14.31 -8.69
N9 ADP C . -0.58 14.05 -7.99
C8 ADP C . -0.34 13.17 -6.99
N7 ADP C . 0.95 13.21 -6.59
C5 ADP C . 1.54 14.16 -7.36
C6 ADP C . 2.89 14.72 -7.50
N6 ADP C . 3.87 14.27 -6.71
N1 ADP C . 3.12 15.68 -8.44
C2 ADP C . 2.14 16.12 -9.25
N3 ADP C . 0.88 15.66 -9.19
C4 ADP C . 0.55 14.68 -8.30
C1 EOH D . -12.68 9.75 -2.31
C2 EOH D . -12.94 11.24 -2.16
O EOH D . -13.37 9.03 -1.29
C1 EOH E . 5.41 16.61 11.00
C2 EOH E . 5.82 15.80 12.23
O EOH E . 4.78 15.79 10.02
C1 EOH F . -2.15 21.35 14.62
C2 EOH F . -0.95 21.86 15.40
O EOH F . -1.86 20.85 13.32
C1 EOH G . -13.01 -0.62 12.22
C2 EOH G . -12.84 -0.08 13.66
O EOH G . -12.73 -2.01 11.97
#